data_6VVR
#
_entry.id   6VVR
#
_cell.length_a   72.943
_cell.length_b   72.943
_cell.length_c   82.299
_cell.angle_alpha   90.000
_cell.angle_beta   90.000
_cell.angle_gamma   90.000
#
_symmetry.space_group_name_H-M   'P 43'
#
loop_
_entity.id
_entity.type
_entity.pdbx_description
1 polymer Tautomerase
2 water water
#
_entity_poly.entity_id   1
_entity_poly.type   'polypeptide(L)'
_entity_poly.pdbx_seq_one_letter_code
;PLLNVHIMQGHTPAAKTALLKALSDAVVQSIGAPLASVRAILQEYAAADVIVAGEVGAAMALVNVDLIAGRTVELKAALI
LALNQAVSASLGMDGKDVRVVLRDIPKTDMGVANGLSAMAAGR
;
_entity_poly.pdbx_strand_id   A,B,C
#
# COMPACT_ATOMS: atom_id res chain seq x y z
N PRO A 1 0.21 -10.47 -10.65
CA PRO A 1 -0.11 -9.23 -9.94
C PRO A 1 -0.41 -9.47 -8.47
N LEU A 2 -0.06 -8.50 -7.62
CA LEU A 2 -0.23 -8.60 -6.18
C LEU A 2 -1.30 -7.61 -5.77
N LEU A 3 -2.44 -8.13 -5.28
CA LEU A 3 -3.59 -7.31 -4.95
C LEU A 3 -3.72 -7.18 -3.45
N ASN A 4 -3.98 -5.97 -2.97
CA ASN A 4 -4.43 -5.80 -1.60
C ASN A 4 -5.75 -5.04 -1.65
N VAL A 5 -6.76 -5.60 -0.98
CA VAL A 5 -8.15 -5.22 -1.16
C VAL A 5 -8.69 -4.72 0.16
N HIS A 6 -9.48 -3.66 0.09
CA HIS A 6 -9.90 -2.91 1.27
C HIS A 6 -11.40 -2.69 1.17
N ILE A 7 -12.16 -3.27 2.11
CA ILE A 7 -13.61 -3.27 2.03
C ILE A 7 -14.18 -2.88 3.38
N MET A 8 -15.46 -2.51 3.38
CA MET A 8 -16.14 -2.18 4.61
C MET A 8 -16.44 -3.46 5.40
N GLN A 9 -16.39 -3.34 6.72
CA GLN A 9 -16.92 -4.39 7.59
C GLN A 9 -18.37 -4.67 7.23
N GLY A 10 -18.79 -5.91 7.44
CA GLY A 10 -20.19 -6.26 7.32
C GLY A 10 -20.52 -7.34 6.32
N HIS A 11 -19.59 -7.74 5.46
CA HIS A 11 -19.86 -8.82 4.53
C HIS A 11 -19.52 -10.16 5.18
N THR A 12 -20.20 -11.21 4.74
CA THR A 12 -19.98 -12.51 5.37
C THR A 12 -18.68 -13.13 4.90
N PRO A 13 -18.09 -14.03 5.71
CA PRO A 13 -16.92 -14.78 5.26
C PRO A 13 -17.12 -15.46 3.91
N ALA A 14 -18.33 -16.00 3.66
CA ALA A 14 -18.60 -16.61 2.37
C ALA A 14 -18.59 -15.59 1.25
N ALA A 15 -19.15 -14.40 1.51
CA ALA A 15 -19.11 -13.34 0.52
C ALA A 15 -17.69 -12.87 0.25
N LYS A 16 -16.88 -12.77 1.31
CA LYS A 16 -15.49 -12.35 1.15
C LYS A 16 -14.66 -13.42 0.45
N THR A 17 -14.94 -14.70 0.74
CA THR A 17 -14.31 -15.79 -0.02
C THR A 17 -14.58 -15.66 -1.51
N ALA A 18 -15.84 -15.46 -1.88
CA ALA A 18 -16.20 -15.33 -3.29
C ALA A 18 -15.53 -14.12 -3.91
N LEU A 19 -15.38 -13.03 -3.15
CA LEU A 19 -14.71 -11.85 -3.67
C LEU A 19 -13.27 -12.17 -4.05
N LEU A 20 -12.53 -12.84 -3.16
CA LEU A 20 -11.14 -13.19 -3.44
C LEU A 20 -11.03 -14.03 -4.70
N LYS A 21 -11.86 -15.06 -4.83
CA LYS A 21 -11.85 -15.88 -6.03
C LYS A 21 -12.22 -15.05 -7.26
N ALA A 22 -13.24 -14.19 -7.13
CA ALA A 22 -13.65 -13.40 -8.29
C ALA A 22 -12.56 -12.42 -8.71
N LEU A 23 -11.83 -11.85 -7.76
CA LEU A 23 -10.74 -10.96 -8.11
C LEU A 23 -9.63 -11.71 -8.81
N SER A 24 -9.28 -12.89 -8.29
CA SER A 24 -8.22 -13.68 -8.92
C SER A 24 -8.59 -14.05 -10.34
N ASP A 25 -9.80 -14.59 -10.53
CA ASP A 25 -10.25 -14.90 -11.89
C ASP A 25 -10.31 -13.66 -12.78
N ALA A 26 -10.67 -12.50 -12.21
CA ALA A 26 -10.72 -11.29 -13.02
C ALA A 26 -9.34 -10.91 -13.53
N VAL A 27 -8.30 -11.16 -12.72
CA VAL A 27 -6.94 -10.89 -13.17
C VAL A 27 -6.56 -11.82 -14.31
N VAL A 28 -6.82 -13.11 -14.13
CA VAL A 28 -6.48 -14.10 -15.15
C VAL A 28 -7.22 -13.79 -16.45
N GLN A 29 -8.52 -13.51 -16.37
CA GLN A 29 -9.30 -13.36 -17.60
C GLN A 29 -8.94 -12.07 -18.33
N SER A 30 -8.72 -10.98 -17.59
CA SER A 30 -8.60 -9.69 -18.24
C SER A 30 -7.23 -9.48 -18.88
N ILE A 31 -6.14 -9.94 -18.25
CA ILE A 31 -4.80 -9.70 -18.78
C ILE A 31 -4.03 -10.98 -19.06
N GLY A 32 -4.61 -12.15 -18.83
CA GLY A 32 -3.92 -13.39 -19.15
C GLY A 32 -2.72 -13.68 -18.28
N ALA A 33 -2.69 -13.16 -17.06
CA ALA A 33 -1.58 -13.47 -16.16
C ALA A 33 -1.64 -14.93 -15.77
N PRO A 34 -0.49 -15.59 -15.62
CA PRO A 34 -0.49 -16.97 -15.09
C PRO A 34 -1.11 -16.99 -13.70
N LEU A 35 -1.97 -17.97 -13.47
CA LEU A 35 -2.64 -18.09 -12.18
C LEU A 35 -1.64 -18.06 -11.02
N ALA A 36 -0.47 -18.67 -11.21
CA ALA A 36 0.53 -18.74 -10.14
C ALA A 36 1.09 -17.36 -9.76
N SER A 37 0.91 -16.34 -10.60
CA SER A 37 1.43 -15.02 -10.27
C SER A 37 0.40 -14.15 -9.57
N VAL A 38 -0.81 -14.65 -9.32
CA VAL A 38 -1.92 -13.84 -8.83
C VAL A 38 -2.12 -14.09 -7.34
N ARG A 39 -2.00 -13.04 -6.53
CA ARG A 39 -2.25 -13.11 -5.10
C ARG A 39 -3.14 -11.94 -4.70
N ALA A 40 -3.98 -12.17 -3.69
CA ALA A 40 -4.81 -11.09 -3.17
C ALA A 40 -5.00 -11.29 -1.68
N ILE A 41 -4.89 -10.19 -0.93
CA ILE A 41 -5.10 -10.21 0.51
C ILE A 41 -6.11 -9.11 0.84
N LEU A 42 -6.91 -9.36 1.87
CA LEU A 42 -8.09 -8.57 2.16
C LEU A 42 -8.03 -7.96 3.56
N GLN A 43 -8.53 -6.74 3.69
CA GLN A 43 -8.70 -6.07 4.97
C GLN A 43 -10.05 -5.39 5.03
N GLU A 44 -10.66 -5.40 6.23
CA GLU A 44 -11.96 -4.79 6.48
C GLU A 44 -11.83 -3.53 7.32
N TYR A 45 -12.69 -2.55 7.06
CA TYR A 45 -12.67 -1.27 7.76
C TYR A 45 -14.01 -0.96 8.39
N ALA A 46 -13.99 -0.51 9.63
CA ALA A 46 -15.19 0.05 10.25
C ALA A 46 -15.56 1.36 9.57
N ALA A 47 -16.85 1.67 9.56
CA ALA A 47 -17.32 2.89 8.90
C ALA A 47 -16.64 4.13 9.49
N ALA A 48 -16.40 4.13 10.79
CA ALA A 48 -15.78 5.29 11.43
C ALA A 48 -14.36 5.52 10.94
N ASP A 49 -13.73 4.53 10.29
CA ASP A 49 -12.34 4.63 9.88
C ASP A 49 -12.19 4.96 8.40
N VAL A 50 -13.25 5.37 7.71
CA VAL A 50 -13.18 5.75 6.31
C VAL A 50 -13.84 7.11 6.11
N ILE A 51 -13.35 7.86 5.13
CA ILE A 51 -13.99 9.07 4.67
C ILE A 51 -13.93 9.10 3.15
N VAL A 52 -15.06 9.42 2.51
CA VAL A 52 -15.16 9.50 1.06
C VAL A 52 -15.83 10.82 0.72
N ALA A 53 -15.12 11.67 -0.03
CA ALA A 53 -15.67 12.96 -0.47
C ALA A 53 -16.16 13.77 0.72
N GLY A 54 -15.40 13.73 1.80
CA GLY A 54 -15.70 14.49 2.98
C GLY A 54 -16.73 13.87 3.92
N GLU A 55 -17.26 12.69 3.58
CA GLU A 55 -18.30 12.04 4.38
C GLU A 55 -17.70 10.85 5.11
N VAL A 56 -17.52 10.99 6.43
CA VAL A 56 -17.08 9.88 7.25
C VAL A 56 -18.15 8.80 7.23
N GLY A 57 -17.71 7.54 7.15
CA GLY A 57 -18.62 6.41 7.18
C GLY A 57 -19.24 6.02 5.85
N ALA A 58 -18.97 6.78 4.78
CA ALA A 58 -19.50 6.41 3.48
C ALA A 58 -18.85 5.13 2.99
N ALA A 59 -19.59 4.34 2.24
CA ALA A 59 -19.08 3.05 1.81
C ALA A 59 -18.02 3.23 0.73
N MET A 60 -17.02 2.35 0.75
CA MET A 60 -16.01 2.31 -0.30
C MET A 60 -15.48 0.88 -0.40
N ALA A 61 -14.90 0.59 -1.56
CA ALA A 61 -14.02 -0.54 -1.74
C ALA A 61 -12.83 -0.08 -2.55
N LEU A 62 -11.68 -0.67 -2.30
CA LEU A 62 -10.45 -0.27 -2.95
C LEU A 62 -9.63 -1.50 -3.29
N VAL A 63 -9.23 -1.63 -4.55
CA VAL A 63 -8.33 -2.69 -4.99
C VAL A 63 -7.03 -2.04 -5.45
N ASN A 64 -5.94 -2.29 -4.73
CA ASN A 64 -4.61 -1.86 -5.13
C ASN A 64 -3.88 -3.02 -5.80
N VAL A 65 -3.32 -2.77 -6.98
CA VAL A 65 -2.67 -3.79 -7.79
C VAL A 65 -1.23 -3.36 -8.04
N ASP A 66 -0.27 -4.13 -7.52
CA ASP A 66 1.12 -3.98 -7.90
C ASP A 66 1.40 -5.03 -8.96
N LEU A 67 1.75 -4.60 -10.16
CA LEU A 67 1.93 -5.53 -11.26
C LEU A 67 3.14 -5.13 -12.10
N ILE A 68 3.73 -6.14 -12.74
CA ILE A 68 4.89 -5.92 -13.59
C ILE A 68 4.53 -4.97 -14.71
N ALA A 69 5.39 -3.98 -14.92
CA ALA A 69 5.20 -3.00 -15.99
C ALA A 69 5.22 -3.66 -17.35
N GLY A 70 4.66 -2.96 -18.34
CA GLY A 70 4.67 -3.42 -19.71
C GLY A 70 3.30 -3.75 -20.29
N ARG A 71 2.26 -3.80 -19.49
CA ARG A 71 0.94 -4.07 -20.06
C ARG A 71 0.48 -2.87 -20.87
N THR A 72 -0.16 -3.13 -22.00
CA THR A 72 -0.70 -2.04 -22.80
C THR A 72 -1.74 -1.25 -22.01
N VAL A 73 -1.99 -0.02 -22.47
CA VAL A 73 -3.09 0.77 -21.92
C VAL A 73 -4.40 0.00 -21.99
N GLU A 74 -4.60 -0.75 -23.07
CA GLU A 74 -5.86 -1.47 -23.27
C GLU A 74 -6.01 -2.61 -22.27
N LEU A 75 -4.93 -3.36 -22.02
CA LEU A 75 -5.00 -4.42 -21.02
C LEU A 75 -5.19 -3.84 -19.63
N LYS A 76 -4.49 -2.74 -19.32
CA LYS A 76 -4.69 -2.07 -18.04
C LYS A 76 -6.14 -1.63 -17.88
N ALA A 77 -6.73 -1.09 -18.95
CA ALA A 77 -8.13 -0.69 -18.88
C ALA A 77 -9.04 -1.89 -18.65
N ALA A 78 -8.80 -3.00 -19.37
CA ALA A 78 -9.57 -4.21 -19.14
C ALA A 78 -9.45 -4.69 -17.70
N LEU A 79 -8.25 -4.56 -17.12
CA LEU A 79 -8.03 -5.05 -15.76
C LEU A 79 -8.80 -4.20 -14.74
N ILE A 80 -8.72 -2.86 -14.86
CA ILE A 80 -9.45 -1.97 -13.95
C ILE A 80 -10.93 -2.26 -14.04
N LEU A 81 -11.45 -2.40 -15.26
CA LEU A 81 -12.87 -2.64 -15.47
C LEU A 81 -13.28 -3.97 -14.86
N ALA A 82 -12.50 -5.02 -15.12
CA ALA A 82 -12.86 -6.35 -14.65
C ALA A 82 -12.78 -6.44 -13.12
N LEU A 83 -11.79 -5.79 -12.52
CA LEU A 83 -11.70 -5.78 -11.06
C LEU A 83 -12.83 -4.98 -10.45
N ASN A 84 -13.15 -3.80 -11.01
CA ASN A 84 -14.27 -3.02 -10.49
C ASN A 84 -15.56 -3.85 -10.51
N GLN A 85 -15.83 -4.51 -11.64
CA GLN A 85 -17.06 -5.31 -11.74
C GLN A 85 -17.02 -6.52 -10.82
N ALA A 86 -15.85 -7.12 -10.61
CA ALA A 86 -15.75 -8.24 -9.67
C ALA A 86 -16.12 -7.81 -8.25
N VAL A 87 -15.66 -6.64 -7.82
CA VAL A 87 -16.02 -6.14 -6.50
C VAL A 87 -17.51 -5.87 -6.43
N SER A 88 -18.03 -5.07 -7.38
CA SER A 88 -19.45 -4.71 -7.36
C SER A 88 -20.33 -5.95 -7.32
N ALA A 89 -20.02 -6.95 -8.15
CA ALA A 89 -20.87 -8.15 -8.19
C ALA A 89 -20.75 -8.95 -6.91
N SER A 90 -19.52 -9.21 -6.44
CA SER A 90 -19.34 -10.09 -5.29
C SER A 90 -19.92 -9.51 -4.02
N LEU A 91 -19.86 -8.21 -3.85
CA LEU A 91 -20.28 -7.56 -2.61
C LEU A 91 -21.62 -6.87 -2.72
N GLY A 92 -22.28 -6.92 -3.88
CA GLY A 92 -23.55 -6.22 -4.04
C GLY A 92 -23.40 -4.73 -3.89
N MET A 93 -22.33 -4.17 -4.45
CA MET A 93 -22.01 -2.76 -4.32
C MET A 93 -22.25 -2.04 -5.62
N ASP A 94 -22.47 -0.74 -5.51
CA ASP A 94 -22.49 0.14 -6.66
C ASP A 94 -21.06 0.38 -7.15
N GLY A 95 -20.85 0.24 -8.46
CA GLY A 95 -19.52 0.41 -9.01
C GLY A 95 -18.96 1.81 -8.83
N LYS A 96 -19.83 2.79 -8.61
CA LYS A 96 -19.34 4.15 -8.36
C LYS A 96 -18.62 4.27 -7.04
N ASP A 97 -18.80 3.30 -6.14
CA ASP A 97 -18.21 3.31 -4.80
C ASP A 97 -16.89 2.54 -4.74
N VAL A 98 -16.46 1.97 -5.86
CA VAL A 98 -15.27 1.13 -5.93
C VAL A 98 -14.19 1.92 -6.66
N ARG A 99 -12.94 1.75 -6.23
CA ARG A 99 -11.79 2.30 -6.92
C ARG A 99 -10.74 1.22 -7.10
N VAL A 100 -10.04 1.27 -8.24
CA VAL A 100 -8.92 0.36 -8.55
C VAL A 100 -7.72 1.21 -8.89
N VAL A 101 -6.56 0.88 -8.30
CA VAL A 101 -5.30 1.58 -8.56
C VAL A 101 -4.28 0.56 -9.03
N LEU A 102 -3.65 0.82 -10.18
CA LEU A 102 -2.59 -0.02 -10.70
C LEU A 102 -1.26 0.69 -10.46
N ARG A 103 -0.30 -0.02 -9.91
CA ARG A 103 1.06 0.48 -9.76
C ARG A 103 1.96 -0.35 -10.66
N ASP A 104 2.43 0.27 -11.74
CA ASP A 104 3.36 -0.39 -12.67
C ASP A 104 4.71 -0.55 -11.98
N ILE A 105 5.15 -1.79 -11.81
CA ILE A 105 6.41 -2.12 -11.13
C ILE A 105 7.38 -2.63 -12.19
N PRO A 106 8.49 -1.93 -12.46
CA PRO A 106 9.49 -2.48 -13.40
C PRO A 106 9.97 -3.85 -12.97
N LYS A 107 10.36 -4.67 -13.96
CA LYS A 107 10.75 -6.05 -13.68
C LYS A 107 11.93 -6.13 -12.72
N THR A 108 12.81 -5.13 -12.71
CA THR A 108 13.91 -5.10 -11.73
C THR A 108 13.45 -4.81 -10.31
N ASP A 109 12.22 -4.30 -10.14
CA ASP A 109 11.71 -3.86 -8.85
C ASP A 109 10.70 -4.83 -8.23
N MET A 110 10.28 -5.86 -8.97
CA MET A 110 9.26 -6.80 -8.50
C MET A 110 9.92 -8.10 -8.09
N GLY A 111 9.71 -8.52 -6.84
CA GLY A 111 10.21 -9.80 -6.39
C GLY A 111 9.29 -10.94 -6.82
N VAL A 112 9.89 -12.11 -7.02
CA VAL A 112 9.11 -13.32 -7.21
C VAL A 112 9.61 -14.34 -6.19
N ALA A 113 9.35 -15.64 -6.43
CA ALA A 113 9.68 -16.65 -5.44
C ALA A 113 11.17 -16.63 -5.06
N ASN A 114 11.45 -16.87 -3.78
CA ASN A 114 12.81 -17.00 -3.22
C ASN A 114 13.65 -15.74 -3.38
N GLY A 115 13.02 -14.58 -3.54
CA GLY A 115 13.79 -13.35 -3.50
C GLY A 115 14.57 -13.00 -4.75
N LEU A 116 14.25 -13.62 -5.87
CA LEU A 116 14.72 -13.18 -7.18
C LEU A 116 13.77 -12.14 -7.74
N SER A 117 14.29 -11.28 -8.60
CA SER A 117 13.44 -10.31 -9.25
C SER A 117 12.72 -10.95 -10.44
N ALA A 118 11.65 -10.29 -10.88
CA ALA A 118 10.95 -10.76 -12.08
C ALA A 118 11.88 -10.73 -13.30
N MET A 119 12.76 -9.73 -13.37
CA MET A 119 13.77 -9.72 -14.43
C MET A 119 14.70 -10.91 -14.29
N ALA A 120 15.11 -11.22 -13.06
CA ALA A 120 16.00 -12.37 -12.83
C ALA A 120 15.34 -13.67 -13.25
N ALA A 121 14.04 -13.77 -13.05
CA ALA A 121 13.27 -14.97 -13.39
C ALA A 121 12.91 -15.01 -14.87
N GLY A 122 13.31 -14.02 -15.65
CA GLY A 122 13.01 -14.04 -17.08
C GLY A 122 11.55 -13.79 -17.42
N ARG A 123 10.84 -13.03 -16.58
CA ARG A 123 9.43 -12.74 -16.82
C ARG A 123 9.24 -11.89 -18.07
N PRO B 1 14.00 3.97 3.54
CA PRO B 1 12.95 3.11 2.99
C PRO B 1 11.85 2.81 4.01
N LEU B 2 10.60 2.84 3.55
CA LEU B 2 9.45 2.62 4.42
C LEU B 2 8.81 1.30 4.02
N LEU B 3 8.83 0.35 4.94
CA LEU B 3 8.32 -0.99 4.67
C LEU B 3 6.96 -1.16 5.32
N ASN B 4 6.03 -1.77 4.58
CA ASN B 4 4.83 -2.29 5.22
C ASN B 4 4.76 -3.77 4.88
N VAL B 5 4.69 -4.58 5.93
CA VAL B 5 4.85 -6.03 5.84
C VAL B 5 3.52 -6.68 6.19
N HIS B 6 3.20 -7.76 5.47
CA HIS B 6 1.91 -8.43 5.59
C HIS B 6 2.17 -9.92 5.77
N ILE B 7 1.75 -10.48 6.90
CA ILE B 7 2.04 -11.87 7.24
C ILE B 7 0.77 -12.56 7.71
N MET B 8 0.83 -13.89 7.77
CA MET B 8 -0.29 -14.65 8.32
C MET B 8 -0.36 -14.54 9.84
N GLN B 9 -1.59 -14.56 10.34
CA GLN B 9 -1.85 -14.68 11.78
C GLN B 9 -1.18 -15.90 12.37
N GLY B 10 -0.83 -15.80 13.66
CA GLY B 10 -0.47 -16.97 14.44
C GLY B 10 1.00 -17.14 14.75
N HIS B 11 1.87 -16.24 14.28
CA HIS B 11 3.28 -16.33 14.63
C HIS B 11 3.51 -15.81 16.04
N THR B 12 4.60 -16.26 16.66
CA THR B 12 4.90 -15.88 18.04
C THR B 12 5.33 -14.42 18.12
N PRO B 13 5.12 -13.79 19.28
CA PRO B 13 5.62 -12.41 19.45
C PRO B 13 7.13 -12.30 19.23
N ALA B 14 7.90 -13.28 19.69
CA ALA B 14 9.34 -13.27 19.44
C ALA B 14 9.63 -13.32 17.94
N ALA B 15 8.91 -14.17 17.20
CA ALA B 15 9.15 -14.26 15.75
C ALA B 15 8.87 -12.93 15.07
N LYS B 16 7.81 -12.23 15.49
CA LYS B 16 7.47 -10.98 14.83
C LYS B 16 8.48 -9.88 15.16
N THR B 17 8.98 -9.85 16.41
CA THR B 17 10.07 -8.93 16.75
C THR B 17 11.32 -9.25 15.93
N ALA B 18 11.67 -10.53 15.83
CA ALA B 18 12.82 -10.91 15.01
C ALA B 18 12.62 -10.50 13.57
N LEU B 19 11.39 -10.61 13.06
CA LEU B 19 11.09 -10.23 11.69
C LEU B 19 11.32 -8.74 11.46
N LEU B 20 10.78 -7.89 12.35
CA LEU B 20 10.98 -6.45 12.19
C LEU B 20 12.46 -6.09 12.22
N LYS B 21 13.21 -6.67 13.16
CA LYS B 21 14.64 -6.38 13.25
C LYS B 21 15.39 -6.90 12.04
N ALA B 22 15.03 -8.09 11.55
CA ALA B 22 15.74 -8.66 10.41
C ALA B 22 15.45 -7.88 9.13
N LEU B 23 14.22 -7.39 8.98
CA LEU B 23 13.91 -6.58 7.81
C LEU B 23 14.70 -5.28 7.83
N SER B 24 14.73 -4.62 8.99
CA SER B 24 15.50 -3.38 9.12
C SER B 24 16.97 -3.62 8.80
N ASP B 25 17.54 -4.68 9.40
CA ASP B 25 18.94 -5.03 9.15
C ASP B 25 19.19 -5.30 7.67
N ALA B 26 18.24 -6.00 7.03
CA ALA B 26 18.42 -6.35 5.64
C ALA B 26 18.52 -5.10 4.78
N VAL B 27 17.74 -4.07 5.10
CA VAL B 27 17.78 -2.85 4.31
C VAL B 27 19.12 -2.15 4.49
N VAL B 28 19.55 -1.97 5.73
CA VAL B 28 20.83 -1.30 5.98
C VAL B 28 21.96 -2.06 5.30
N GLN B 29 21.97 -3.39 5.45
CA GLN B 29 23.09 -4.17 4.94
C GLN B 29 23.11 -4.21 3.42
N SER B 30 21.94 -4.34 2.79
CA SER B 30 21.90 -4.61 1.35
C SER B 30 22.07 -3.36 0.49
N ILE B 31 21.62 -2.19 0.93
CA ILE B 31 21.71 -0.98 0.12
C ILE B 31 22.40 0.16 0.84
N GLY B 32 22.86 -0.02 2.06
CA GLY B 32 23.55 1.04 2.75
C GLY B 32 22.68 2.19 3.17
N ALA B 33 21.37 1.97 3.31
CA ALA B 33 20.49 3.04 3.79
C ALA B 33 20.87 3.40 5.22
N PRO B 34 20.89 4.69 5.55
CA PRO B 34 21.07 5.09 6.95
C PRO B 34 19.97 4.49 7.81
N LEU B 35 20.35 3.99 8.97
CA LEU B 35 19.37 3.35 9.86
C LEU B 35 18.20 4.28 10.14
N ALA B 36 18.47 5.58 10.28
CA ALA B 36 17.41 6.53 10.60
C ALA B 36 16.33 6.59 9.54
N SER B 37 16.63 6.19 8.30
CA SER B 37 15.64 6.27 7.24
C SER B 37 14.80 4.99 7.10
N VAL B 38 15.01 3.99 7.95
CA VAL B 38 14.39 2.69 7.79
C VAL B 38 13.25 2.54 8.79
N ARG B 39 12.04 2.29 8.28
CA ARG B 39 10.88 1.99 9.10
C ARG B 39 10.17 0.78 8.52
N ALA B 40 9.57 -0.03 9.40
CA ALA B 40 8.73 -1.12 8.95
C ALA B 40 7.54 -1.24 9.90
N ILE B 41 6.37 -1.52 9.33
CA ILE B 41 5.16 -1.74 10.11
C ILE B 41 4.53 -3.03 9.60
N LEU B 42 3.87 -3.75 10.51
CA LEU B 42 3.46 -5.12 10.28
C LEU B 42 1.95 -5.25 10.44
N GLN B 43 1.33 -6.01 9.52
CA GLN B 43 -0.08 -6.37 9.64
C GLN B 43 -0.24 -7.88 9.46
N GLU B 44 -1.18 -8.47 10.20
CA GLU B 44 -1.43 -9.91 10.16
C GLU B 44 -2.75 -10.19 9.47
N TYR B 45 -2.80 -11.33 8.78
CA TYR B 45 -3.97 -11.71 7.97
C TYR B 45 -4.45 -13.09 8.38
N ALA B 46 -5.76 -13.26 8.43
CA ALA B 46 -6.35 -14.58 8.57
C ALA B 46 -6.23 -15.38 7.28
N ALA B 47 -6.21 -16.71 7.42
CA ALA B 47 -6.23 -17.58 6.24
C ALA B 47 -7.42 -17.27 5.35
N ALA B 48 -8.58 -16.97 5.94
CA ALA B 48 -9.78 -16.70 5.16
C ALA B 48 -9.64 -15.43 4.33
N ASP B 49 -8.64 -14.60 4.59
CA ASP B 49 -8.53 -13.30 3.93
C ASP B 49 -7.43 -13.26 2.88
N VAL B 50 -6.87 -14.41 2.50
CA VAL B 50 -5.83 -14.46 1.49
C VAL B 50 -6.16 -15.49 0.43
N ILE B 51 -5.72 -15.22 -0.79
CA ILE B 51 -5.78 -16.17 -1.90
C ILE B 51 -4.46 -16.11 -2.64
N VAL B 52 -3.88 -17.28 -2.96
CA VAL B 52 -2.63 -17.38 -3.67
C VAL B 52 -2.80 -18.41 -4.78
N ALA B 53 -2.59 -17.99 -6.02
CA ALA B 53 -2.71 -18.89 -7.16
C ALA B 53 -4.07 -19.58 -7.16
N GLY B 54 -5.11 -18.82 -6.81
CA GLY B 54 -6.47 -19.33 -6.79
C GLY B 54 -6.83 -20.14 -5.58
N GLU B 55 -5.92 -20.33 -4.63
CA GLU B 55 -6.15 -21.18 -3.46
C GLU B 55 -6.38 -20.30 -2.23
N VAL B 56 -7.63 -20.22 -1.78
CA VAL B 56 -7.95 -19.43 -0.60
C VAL B 56 -7.28 -20.04 0.62
N GLY B 57 -6.68 -19.20 1.46
CA GLY B 57 -6.07 -19.69 2.68
C GLY B 57 -4.63 -20.15 2.54
N ALA B 58 -4.05 -20.08 1.34
CA ALA B 58 -2.64 -20.43 1.19
C ALA B 58 -1.76 -19.40 1.90
N ALA B 59 -0.78 -19.88 2.65
CA ALA B 59 0.07 -18.95 3.40
C ALA B 59 0.89 -18.08 2.46
N MET B 60 1.10 -16.84 2.88
CA MET B 60 1.91 -15.90 2.11
C MET B 60 2.53 -14.89 3.06
N ALA B 61 3.60 -14.26 2.59
CA ALA B 61 4.09 -13.04 3.21
C ALA B 61 4.42 -12.06 2.09
N LEU B 62 4.29 -10.77 2.41
CA LEU B 62 4.47 -9.70 1.45
C LEU B 62 5.20 -8.54 2.12
N VAL B 63 6.28 -8.08 1.50
CA VAL B 63 7.04 -6.92 1.98
C VAL B 63 6.95 -5.86 0.88
N ASN B 64 6.24 -4.76 1.16
CA ASN B 64 6.17 -3.62 0.25
C ASN B 64 7.15 -2.55 0.70
N VAL B 65 7.98 -2.07 -0.22
CA VAL B 65 9.02 -1.10 0.10
C VAL B 65 8.79 0.15 -0.73
N ASP B 66 8.54 1.28 -0.06
CA ASP B 66 8.59 2.59 -0.70
C ASP B 66 9.95 3.19 -0.38
N LEU B 67 10.77 3.41 -1.42
CA LEU B 67 12.11 3.94 -1.20
C LEU B 67 12.43 4.99 -2.25
N ILE B 68 13.33 5.91 -1.87
CA ILE B 68 13.71 6.98 -2.78
C ILE B 68 14.37 6.41 -4.03
N ALA B 69 13.99 6.95 -5.18
CA ALA B 69 14.50 6.46 -6.44
C ALA B 69 16.01 6.67 -6.54
N GLY B 70 16.65 5.87 -7.39
CA GLY B 70 18.07 6.00 -7.67
C GLY B 70 18.90 4.76 -7.38
N ARG B 71 18.41 3.79 -6.61
CA ARG B 71 19.21 2.60 -6.34
C ARG B 71 19.44 1.82 -7.62
N THR B 72 20.64 1.26 -7.77
CA THR B 72 20.97 0.54 -8.99
C THR B 72 20.20 -0.79 -9.07
N VAL B 73 20.20 -1.37 -10.26
CA VAL B 73 19.60 -2.70 -10.41
C VAL B 73 20.25 -3.70 -9.46
N GLU B 74 21.57 -3.63 -9.32
CA GLU B 74 22.26 -4.58 -8.45
C GLU B 74 21.87 -4.38 -6.99
N LEU B 75 21.78 -3.14 -6.53
CA LEU B 75 21.41 -2.92 -5.12
C LEU B 75 19.97 -3.36 -4.87
N LYS B 76 19.08 -3.12 -5.82
CA LYS B 76 17.71 -3.58 -5.70
C LYS B 76 17.65 -5.11 -5.61
N ALA B 77 18.44 -5.80 -6.45
CA ALA B 77 18.46 -7.25 -6.39
C ALA B 77 18.96 -7.73 -5.03
N ALA B 78 19.98 -7.08 -4.49
CA ALA B 78 20.45 -7.44 -3.15
C ALA B 78 19.37 -7.22 -2.11
N LEU B 79 18.62 -6.12 -2.25
CA LEU B 79 17.57 -5.79 -1.28
C LEU B 79 16.44 -6.80 -1.33
N ILE B 80 15.97 -7.14 -2.54
CA ILE B 80 14.87 -8.07 -2.67
C ILE B 80 15.25 -9.42 -2.09
N LEU B 81 16.47 -9.88 -2.40
CA LEU B 81 16.96 -11.14 -1.88
C LEU B 81 17.08 -11.10 -0.36
N ALA B 82 17.68 -10.02 0.18
CA ALA B 82 17.88 -9.93 1.62
C ALA B 82 16.57 -9.86 2.38
N LEU B 83 15.57 -9.16 1.80
CA LEU B 83 14.28 -9.05 2.48
C LEU B 83 13.53 -10.37 2.45
N ASN B 84 13.55 -11.06 1.31
CA ASN B 84 12.93 -12.38 1.25
C ASN B 84 13.54 -13.32 2.26
N GLN B 85 14.87 -13.27 2.41
CA GLN B 85 15.52 -14.17 3.36
C GLN B 85 15.25 -13.76 4.80
N ALA B 86 15.13 -12.46 5.08
CA ALA B 86 14.75 -12.04 6.44
C ALA B 86 13.38 -12.61 6.82
N VAL B 87 12.42 -12.58 5.89
CA VAL B 87 11.09 -13.13 6.19
C VAL B 87 11.18 -14.62 6.42
N SER B 88 11.82 -15.34 5.50
CA SER B 88 11.83 -16.79 5.57
C SER B 88 12.55 -17.27 6.82
N ALA B 89 13.65 -16.63 7.19
CA ALA B 89 14.37 -17.06 8.39
C ALA B 89 13.61 -16.71 9.67
N SER B 90 13.00 -15.53 9.73
CA SER B 90 12.35 -15.08 10.95
C SER B 90 11.07 -15.85 11.24
N LEU B 91 10.30 -16.16 10.19
CA LEU B 91 9.01 -16.81 10.37
C LEU B 91 9.05 -18.29 10.08
N GLY B 92 10.21 -18.84 9.73
CA GLY B 92 10.28 -20.25 9.37
C GLY B 92 9.44 -20.58 8.15
N MET B 93 9.44 -19.70 7.16
CA MET B 93 8.64 -19.87 5.96
C MET B 93 9.51 -20.32 4.80
N ASP B 94 8.85 -20.97 3.83
CA ASP B 94 9.48 -21.24 2.56
C ASP B 94 9.57 -19.94 1.77
N GLY B 95 10.76 -19.64 1.26
CA GLY B 95 10.95 -18.42 0.50
C GLY B 95 10.08 -18.33 -0.74
N LYS B 96 9.56 -19.45 -1.22
CA LYS B 96 8.66 -19.41 -2.38
C LYS B 96 7.31 -18.79 -2.01
N ASP B 97 6.99 -18.68 -0.73
CA ASP B 97 5.73 -18.11 -0.29
C ASP B 97 5.82 -16.64 0.06
N VAL B 98 6.97 -16.00 -0.18
CA VAL B 98 7.22 -14.61 0.15
C VAL B 98 7.33 -13.81 -1.15
N ARG B 99 6.81 -12.59 -1.13
CA ARG B 99 7.00 -11.64 -2.24
C ARG B 99 7.46 -10.31 -1.68
N VAL B 100 8.30 -9.61 -2.47
CA VAL B 100 8.83 -8.30 -2.14
C VAL B 100 8.51 -7.38 -3.32
N VAL B 101 7.98 -6.19 -3.04
CA VAL B 101 7.73 -5.19 -4.07
C VAL B 101 8.47 -3.91 -3.69
N LEU B 102 9.25 -3.37 -4.64
CA LEU B 102 9.92 -2.10 -4.46
C LEU B 102 9.21 -1.04 -5.27
N ARG B 103 8.94 0.11 -4.64
CA ARG B 103 8.33 1.26 -5.31
C ARG B 103 9.29 2.44 -5.24
N ASP B 104 9.92 2.76 -6.37
CA ASP B 104 10.80 3.93 -6.48
C ASP B 104 9.99 5.21 -6.33
N ILE B 105 10.34 6.03 -5.35
CA ILE B 105 9.65 7.29 -5.07
C ILE B 105 10.64 8.43 -5.37
N PRO B 106 10.35 9.29 -6.33
CA PRO B 106 11.22 10.47 -6.52
C PRO B 106 11.33 11.29 -5.24
N LYS B 107 12.47 11.98 -5.09
CA LYS B 107 12.73 12.75 -3.89
C LYS B 107 11.67 13.83 -3.69
N THR B 108 11.11 14.34 -4.77
CA THR B 108 10.06 15.36 -4.68
C THR B 108 8.80 14.76 -4.10
N ASP B 109 8.66 13.43 -4.17
CA ASP B 109 7.43 12.75 -3.78
C ASP B 109 7.53 12.07 -2.42
N MET B 110 8.72 12.00 -1.84
CA MET B 110 8.95 11.32 -0.57
C MET B 110 9.00 12.35 0.55
N GLY B 111 8.03 12.29 1.47
CA GLY B 111 8.07 13.15 2.62
C GLY B 111 9.07 12.64 3.65
N VAL B 112 9.74 13.58 4.31
CA VAL B 112 10.60 13.22 5.42
C VAL B 112 10.05 13.91 6.67
N ALA B 113 10.89 14.09 7.69
CA ALA B 113 10.42 14.67 8.94
C ALA B 113 9.76 16.02 8.70
N ASN B 114 8.67 16.27 9.43
CA ASN B 114 8.05 17.59 9.53
C ASN B 114 7.47 18.08 8.20
N GLY B 115 7.05 17.15 7.34
CA GLY B 115 6.30 17.52 6.16
C GLY B 115 7.11 18.15 5.05
N LEU B 116 8.42 17.96 5.01
CA LEU B 116 9.22 18.37 3.88
C LEU B 116 9.46 17.20 2.95
N SER B 117 9.60 17.48 1.65
CA SER B 117 10.02 16.42 0.76
C SER B 117 11.50 16.10 0.99
N ALA B 118 11.91 14.91 0.56
CA ALA B 118 13.31 14.54 0.66
C ALA B 118 14.18 15.49 -0.15
N MET B 119 13.63 16.12 -1.19
CA MET B 119 14.39 17.11 -1.96
C MET B 119 14.55 18.42 -1.18
N ALA B 120 13.49 18.86 -0.49
CA ALA B 120 13.59 20.08 0.30
C ALA B 120 14.60 19.93 1.43
N ALA B 121 14.85 18.70 1.87
CA ALA B 121 15.87 18.39 2.87
C ALA B 121 17.08 17.65 2.30
N GLY B 122 17.06 17.30 1.01
CA GLY B 122 18.23 16.72 0.35
C GLY B 122 18.64 15.32 0.78
N ARG B 123 18.04 14.29 0.18
CA ARG B 123 18.46 12.90 0.44
C ARG B 123 19.19 12.30 -0.76
N PRO C 1 -7.28 11.87 -4.96
CA PRO C 1 -6.23 11.10 -4.29
C PRO C 1 -6.79 10.11 -3.29
N LEU C 2 -6.20 8.92 -3.25
CA LEU C 2 -6.62 7.87 -2.34
C LEU C 2 -5.56 7.69 -1.26
N LEU C 3 -5.97 7.88 -0.01
CA LEU C 3 -5.06 7.91 1.12
C LEU C 3 -5.29 6.67 1.97
N ASN C 4 -4.21 6.01 2.36
CA ASN C 4 -4.31 5.03 3.44
C ASN C 4 -3.38 5.47 4.56
N VAL C 5 -3.95 5.61 5.74
CA VAL C 5 -3.31 6.24 6.89
C VAL C 5 -3.06 5.16 7.91
N HIS C 6 -1.85 5.18 8.49
CA HIS C 6 -1.38 4.16 9.40
C HIS C 6 -0.94 4.86 10.66
N ILE C 7 -1.62 4.57 11.79
CA ILE C 7 -1.35 5.25 13.04
C ILE C 7 -1.22 4.22 14.15
N MET C 8 -0.70 4.67 15.29
CA MET C 8 -0.59 3.81 16.46
C MET C 8 -1.95 3.63 17.12
N GLN C 9 -2.15 2.44 17.70
CA GLN C 9 -3.32 2.22 18.54
C GLN C 9 -3.30 3.19 19.71
N GLY C 10 -4.48 3.45 20.27
CA GLY C 10 -4.58 4.22 21.49
C GLY C 10 -5.14 5.61 21.35
N HIS C 11 -5.45 6.08 20.15
CA HIS C 11 -6.03 7.40 20.04
C HIS C 11 -7.54 7.33 20.22
N THR C 12 -8.12 8.47 20.58
CA THR C 12 -9.54 8.51 20.87
C THR C 12 -10.34 8.50 19.56
N PRO C 13 -11.58 8.02 19.60
CA PRO C 13 -12.42 8.09 18.39
C PRO C 13 -12.58 9.49 17.85
N ALA C 14 -12.68 10.49 18.73
CA ALA C 14 -12.79 11.87 18.28
C ALA C 14 -11.56 12.30 17.49
N ALA C 15 -10.37 11.93 17.97
CA ALA C 15 -9.15 12.35 17.31
C ALA C 15 -8.98 11.66 15.96
N LYS C 16 -9.43 10.41 15.85
CA LYS C 16 -9.38 9.71 14.57
C LYS C 16 -10.38 10.31 13.59
N THR C 17 -11.56 10.71 14.06
CA THR C 17 -12.50 11.39 13.20
C THR C 17 -11.93 12.72 12.72
N ALA C 18 -11.34 13.50 13.65
CA ALA C 18 -10.74 14.77 13.27
C ALA C 18 -9.60 14.57 12.28
N LEU C 19 -8.83 13.49 12.46
CA LEU C 19 -7.75 13.17 11.54
C LEU C 19 -8.26 12.97 10.11
N LEU C 20 -9.27 12.12 9.95
CA LEU C 20 -9.82 11.85 8.62
C LEU C 20 -10.33 13.14 7.97
N LYS C 21 -11.08 13.95 8.71
CA LYS C 21 -11.58 15.19 8.11
C LYS C 21 -10.44 16.14 7.80
N ALA C 22 -9.41 16.19 8.67
CA ALA C 22 -8.29 17.10 8.43
C ALA C 22 -7.47 16.64 7.24
N LEU C 23 -7.32 15.32 7.07
CA LEU C 23 -6.63 14.82 5.89
C LEU C 23 -7.37 15.18 4.62
N SER C 24 -8.69 14.98 4.60
CA SER C 24 -9.47 15.30 3.41
C SER C 24 -9.38 16.78 3.09
N ASP C 25 -9.52 17.63 4.12
CA ASP C 25 -9.38 19.08 3.92
C ASP C 25 -8.00 19.45 3.40
N ALA C 26 -6.96 18.78 3.92
CA ALA C 26 -5.60 19.09 3.49
C ALA C 26 -5.42 18.82 2.00
N VAL C 27 -6.02 17.74 1.49
CA VAL C 27 -5.90 17.42 0.08
C VAL C 27 -6.62 18.46 -0.76
N VAL C 28 -7.87 18.77 -0.40
CA VAL C 28 -8.66 19.72 -1.18
C VAL C 28 -7.98 21.08 -1.23
N GLN C 29 -7.46 21.54 -0.10
CA GLN C 29 -6.97 22.91 -0.01
C GLN C 29 -5.51 23.07 -0.44
N SER C 30 -4.70 22.02 -0.40
CA SER C 30 -3.32 22.16 -0.82
C SER C 30 -3.11 21.96 -2.33
N ILE C 31 -3.89 21.10 -2.97
CA ILE C 31 -3.74 20.87 -4.41
C ILE C 31 -5.05 21.10 -5.18
N GLY C 32 -6.11 21.54 -4.54
CA GLY C 32 -7.34 21.80 -5.28
C GLY C 32 -7.94 20.57 -5.90
N ALA C 33 -7.82 19.43 -5.26
CA ALA C 33 -8.47 18.22 -5.77
C ALA C 33 -9.99 18.35 -5.66
N PRO C 34 -10.72 17.87 -6.65
CA PRO C 34 -12.18 17.78 -6.51
C PRO C 34 -12.52 16.94 -5.29
N LEU C 35 -13.50 17.41 -4.52
CA LEU C 35 -13.83 16.72 -3.28
C LEU C 35 -14.21 15.26 -3.52
N ALA C 36 -14.92 14.98 -4.60
CA ALA C 36 -15.35 13.61 -4.90
C ALA C 36 -14.18 12.66 -5.14
N SER C 37 -13.00 13.18 -5.47
CA SER C 37 -11.82 12.37 -5.71
C SER C 37 -11.03 12.02 -4.44
N VAL C 38 -11.43 12.52 -3.28
CA VAL C 38 -10.63 12.39 -2.05
C VAL C 38 -11.22 11.29 -1.18
N ARG C 39 -10.44 10.22 -0.95
CA ARG C 39 -10.80 9.17 -0.02
C ARG C 39 -9.64 8.89 0.92
N ALA C 40 -9.95 8.59 2.19
CA ALA C 40 -8.93 8.19 3.17
C ALA C 40 -9.46 7.06 4.02
N ILE C 41 -8.61 6.07 4.26
CA ILE C 41 -8.96 4.93 5.11
C ILE C 41 -7.84 4.73 6.14
N LEU C 42 -8.23 4.33 7.34
CA LEU C 42 -7.36 4.36 8.52
C LEU C 42 -7.13 2.96 9.05
N GLN C 43 -5.87 2.68 9.43
CA GLN C 43 -5.46 1.41 10.03
C GLN C 43 -4.63 1.70 11.27
N GLU C 44 -4.87 0.93 12.34
CA GLU C 44 -4.16 1.11 13.61
C GLU C 44 -3.17 -0.03 13.84
N TYR C 45 -2.05 0.30 14.50
CA TYR C 45 -0.96 -0.65 14.75
C TYR C 45 -0.60 -0.68 16.22
N ALA C 46 -0.40 -1.89 16.76
CA ALA C 46 0.16 -2.00 18.09
C ALA C 46 1.64 -1.62 18.05
N ALA C 47 2.14 -1.13 19.18
CA ALA C 47 3.55 -0.78 19.27
C ALA C 47 4.44 -1.95 18.89
N ALA C 48 4.02 -3.18 19.24
CA ALA C 48 4.82 -4.35 18.93
C ALA C 48 4.96 -4.59 17.43
N ASP C 49 4.11 -3.96 16.61
CA ASP C 49 4.09 -4.19 15.17
C ASP C 49 4.89 -3.17 14.39
N VAL C 50 5.66 -2.29 15.05
CA VAL C 50 6.39 -1.26 14.32
C VAL C 50 7.85 -1.23 14.77
N ILE C 51 8.73 -0.85 13.83
CA ILE C 51 10.13 -0.58 14.11
C ILE C 51 10.49 0.70 13.36
N VAL C 52 11.18 1.61 14.05
CA VAL C 52 11.59 2.87 13.45
C VAL C 52 13.06 3.08 13.80
N ALA C 53 13.92 3.18 12.77
CA ALA C 53 15.36 3.40 12.98
C ALA C 53 15.92 2.37 13.96
N GLY C 54 15.48 1.12 13.82
CA GLY C 54 15.97 0.03 14.63
C GLY C 54 15.30 -0.15 15.97
N GLU C 55 14.44 0.78 16.37
CA GLU C 55 13.77 0.73 17.68
C GLU C 55 12.39 0.11 17.51
N VAL C 56 12.21 -1.09 18.06
CA VAL C 56 10.89 -1.73 18.02
C VAL C 56 9.97 -0.99 18.97
N GLY C 57 8.76 -0.66 18.50
CA GLY C 57 7.77 0.00 19.32
C GLY C 57 7.74 1.50 19.26
N ALA C 58 8.64 2.13 18.49
CA ALA C 58 8.64 3.58 18.33
C ALA C 58 7.37 4.05 17.64
N ALA C 59 6.72 5.04 18.23
CA ALA C 59 5.50 5.61 17.63
C ALA C 59 5.81 6.15 16.24
N MET C 60 4.88 5.92 15.32
CA MET C 60 4.99 6.44 13.96
C MET C 60 3.59 6.71 13.43
N ALA C 61 3.52 7.56 12.41
CA ALA C 61 2.33 7.65 11.58
C ALA C 61 2.80 7.72 10.13
N LEU C 62 1.97 7.18 9.23
CA LEU C 62 2.33 7.11 7.82
C LEU C 62 1.10 7.43 6.98
N VAL C 63 1.25 8.33 6.03
CA VAL C 63 0.18 8.67 5.10
C VAL C 63 0.66 8.31 3.70
N ASN C 64 0.07 7.28 3.11
CA ASN C 64 0.38 6.90 1.74
C ASN C 64 -0.69 7.48 0.82
N VAL C 65 -0.26 8.15 -0.24
CA VAL C 65 -1.16 8.87 -1.16
C VAL C 65 -0.95 8.33 -2.56
N ASP C 66 -1.98 7.71 -3.12
CA ASP C 66 -2.00 7.39 -4.54
C ASP C 66 -2.79 8.48 -5.25
N LEU C 67 -2.12 9.25 -6.11
CA LEU C 67 -2.77 10.38 -6.76
C LEU C 67 -2.37 10.44 -8.23
N ILE C 68 -3.28 11.01 -9.04
CA ILE C 68 -3.04 11.12 -10.47
C ILE C 68 -1.78 11.93 -10.73
N ALA C 69 -0.95 11.44 -11.65
CA ALA C 69 0.31 12.08 -12.01
C ALA C 69 0.07 13.48 -12.56
N GLY C 70 1.11 14.30 -12.50
CA GLY C 70 1.08 15.61 -13.13
C GLY C 70 1.10 16.79 -12.19
N ARG C 71 0.92 16.62 -10.88
CA ARG C 71 1.03 17.75 -9.97
C ARG C 71 2.46 18.30 -9.98
N THR C 72 2.58 19.62 -9.94
CA THR C 72 3.90 20.22 -9.88
C THR C 72 4.60 19.86 -8.57
N VAL C 73 5.94 19.99 -8.58
CA VAL C 73 6.72 19.81 -7.36
C VAL C 73 6.22 20.75 -6.26
N GLU C 74 5.87 21.97 -6.65
CA GLU C 74 5.35 22.95 -5.69
C GLU C 74 4.05 22.46 -5.05
N LEU C 75 3.12 21.91 -5.84
CA LEU C 75 1.88 21.40 -5.27
C LEU C 75 2.15 20.21 -4.37
N LYS C 76 3.06 19.33 -4.77
CA LYS C 76 3.40 18.17 -3.96
C LYS C 76 3.98 18.59 -2.62
N ALA C 77 4.83 19.62 -2.61
CA ALA C 77 5.38 20.11 -1.36
C ALA C 77 4.29 20.64 -0.45
N ALA C 78 3.33 21.38 -1.00
CA ALA C 78 2.20 21.86 -0.18
C ALA C 78 1.38 20.71 0.34
N LEU C 79 1.18 19.68 -0.48
CA LEU C 79 0.39 18.53 -0.06
C LEU C 79 1.09 17.78 1.06
N ILE C 80 2.38 17.49 0.88
CA ILE C 80 3.13 16.77 1.90
C ILE C 80 3.10 17.54 3.22
N LEU C 81 3.31 18.85 3.15
CA LEU C 81 3.32 19.64 4.38
C LEU C 81 1.95 19.65 5.03
N ALA C 82 0.89 19.83 4.23
CA ALA C 82 -0.46 19.93 4.78
C ALA C 82 -0.89 18.62 5.42
N LEU C 83 -0.52 17.48 4.82
CA LEU C 83 -0.89 16.19 5.41
C LEU C 83 -0.12 15.94 6.70
N ASN C 84 1.17 16.28 6.72
CA ASN C 84 1.95 16.13 7.95
C ASN C 84 1.35 16.95 9.07
N GLN C 85 0.99 18.21 8.78
CA GLN C 85 0.37 19.04 9.81
C GLN C 85 -1.00 18.50 10.23
N ALA C 86 -1.75 17.91 9.29
CA ALA C 86 -3.05 17.34 9.66
C ALA C 86 -2.88 16.20 10.66
N VAL C 87 -1.88 15.34 10.43
CA VAL C 87 -1.63 14.26 11.39
C VAL C 87 -1.15 14.84 12.71
N SER C 88 -0.16 15.72 12.66
CA SER C 88 0.46 16.25 13.86
C SER C 88 -0.59 16.94 14.74
N ALA C 89 -1.44 17.77 14.15
CA ALA C 89 -2.43 18.50 14.93
C ALA C 89 -3.53 17.59 15.44
N SER C 90 -4.00 16.65 14.60
CA SER C 90 -5.13 15.82 14.97
C SER C 90 -4.77 14.83 16.06
N LEU C 91 -3.56 14.30 16.05
CA LEU C 91 -3.17 13.23 16.95
C LEU C 91 -2.25 13.67 18.07
N GLY C 92 -1.83 14.93 18.08
CA GLY C 92 -0.90 15.39 19.10
C GLY C 92 0.47 14.77 18.98
N MET C 93 0.94 14.57 17.76
CA MET C 93 2.25 13.99 17.47
C MET C 93 3.23 15.05 17.01
N ASP C 94 4.51 14.74 17.18
CA ASP C 94 5.57 15.53 16.57
C ASP C 94 5.68 15.18 15.09
N GLY C 95 5.75 16.22 14.25
CA GLY C 95 5.91 16.03 12.82
C GLY C 95 7.11 15.20 12.43
N LYS C 96 8.11 15.10 13.31
CA LYS C 96 9.27 14.27 12.98
C LYS C 96 8.94 12.78 13.01
N ASP C 97 7.82 12.40 13.64
CA ASP C 97 7.40 11.01 13.71
C ASP C 97 6.42 10.64 12.62
N VAL C 98 6.12 11.57 11.71
CA VAL C 98 5.14 11.37 10.65
C VAL C 98 5.88 11.28 9.31
N ARG C 99 5.40 10.40 8.43
CA ARG C 99 5.93 10.33 7.06
C ARG C 99 4.76 10.34 6.09
N VAL C 100 4.98 11.01 4.96
CA VAL C 100 4.02 11.09 3.86
C VAL C 100 4.70 10.55 2.61
N VAL C 101 4.04 9.65 1.90
CA VAL C 101 4.57 9.12 0.64
C VAL C 101 3.53 9.38 -0.44
N LEU C 102 3.94 10.09 -1.50
CA LEU C 102 3.10 10.30 -2.67
C LEU C 102 3.51 9.33 -3.77
N ARG C 103 2.54 8.62 -4.34
CA ARG C 103 2.76 7.74 -5.47
C ARG C 103 2.02 8.30 -6.69
N ASP C 104 2.79 8.81 -7.66
CA ASP C 104 2.22 9.32 -8.90
C ASP C 104 1.67 8.16 -9.73
N ILE C 105 0.38 8.19 -10.01
CA ILE C 105 -0.30 7.15 -10.78
C ILE C 105 -0.70 7.76 -12.13
N PRO C 106 -0.18 7.26 -13.26
CA PRO C 106 -0.62 7.80 -14.55
C PRO C 106 -2.13 7.69 -14.71
N LYS C 107 -2.69 8.58 -15.53
CA LYS C 107 -4.14 8.58 -15.73
C LYS C 107 -4.62 7.26 -16.32
N THR C 108 -3.77 6.56 -17.06
CA THR C 108 -4.14 5.24 -17.57
C THR C 108 -4.21 4.19 -16.48
N ASP C 109 -3.63 4.46 -15.32
CA ASP C 109 -3.46 3.45 -14.28
C ASP C 109 -4.37 3.66 -13.09
N MET C 110 -5.11 4.77 -13.06
CA MET C 110 -5.97 5.12 -11.93
C MET C 110 -7.42 4.86 -12.31
N GLY C 111 -8.11 4.01 -11.56
CA GLY C 111 -9.51 3.78 -11.79
C GLY C 111 -10.36 4.86 -11.15
N VAL C 112 -11.51 5.12 -11.77
CA VAL C 112 -12.50 6.01 -11.19
C VAL C 112 -13.83 5.25 -11.13
N ALA C 113 -14.93 5.97 -10.95
CA ALA C 113 -16.23 5.33 -10.82
C ALA C 113 -16.49 4.34 -11.95
N ASN C 114 -17.03 3.18 -11.57
CA ASN C 114 -17.47 2.13 -12.50
C ASN C 114 -16.32 1.53 -13.31
N GLY C 115 -15.08 1.72 -12.87
CA GLY C 115 -13.99 0.99 -13.49
C GLY C 115 -13.47 1.55 -14.78
N LEU C 116 -13.83 2.77 -15.11
CA LEU C 116 -13.11 3.52 -16.14
C LEU C 116 -11.83 4.09 -15.55
N SER C 117 -10.82 4.29 -16.41
CA SER C 117 -9.61 4.96 -15.97
C SER C 117 -9.85 6.46 -15.91
N ALA C 118 -9.00 7.16 -15.13
CA ALA C 118 -9.06 8.62 -15.12
C ALA C 118 -8.89 9.20 -16.52
N MET C 119 -8.02 8.60 -17.34
CA MET C 119 -7.88 9.06 -18.71
C MET C 119 -9.16 8.84 -19.51
N ALA C 120 -9.75 7.65 -19.37
CA ALA C 120 -11.03 7.36 -20.03
C ALA C 120 -12.09 8.39 -19.70
N ALA C 121 -12.14 8.83 -18.45
CA ALA C 121 -13.17 9.75 -18.00
C ALA C 121 -12.81 11.20 -18.28
N GLY C 122 -11.72 11.45 -18.99
CA GLY C 122 -11.34 12.80 -19.38
C GLY C 122 -10.78 13.66 -18.27
N ARG C 123 -10.13 13.07 -17.27
CA ARG C 123 -9.49 13.87 -16.23
C ARG C 123 -8.15 14.42 -16.74
#